data_1TQH
#
_entry.id   1TQH
#
_cell.length_a   55.654
_cell.length_b   58.205
_cell.length_c   179.045
_cell.angle_alpha   90.00
_cell.angle_beta   90.00
_cell.angle_gamma   90.00
#
_symmetry.space_group_name_H-M   'C 2 2 21'
#
loop_
_entity.id
_entity.type
_entity.pdbx_description
1 polymer 'Carboxylesterase precursor'
2 non-polymer 'SULFATE ION'
3 non-polymer 'PROPYL ACETATE'
4 water water
#
_entity_poly.entity_id   1
_entity_poly.type   'polypeptide(L)'
_entity_poly.pdbx_seq_one_letter_code
;MMKIVPPKPFFFEAGERAVLLLHGFTGNSADVRMLGRFLESKGYTCHAPIYKGHGVPPEELVHTGPDDWWQDVMNGYEFL
KNKGYEKIAVAGLSLGGVFSLKLGYTVPIEGIVTMCAPMYIKSEETMYEGVLEYAREYKKREGKSEEQIEQEMEKFKQTP
MKTLKALQELIADVRDHLDLIYAPTFVVQARHDEMINPDSANIIYNEIESPVKQIKWYEQSGHVITLDQEKDQLHEDIYA
FLESLDW
;
_entity_poly.pdbx_strand_id   A
#
loop_
_chem_comp.id
_chem_comp.type
_chem_comp.name
_chem_comp.formula
4PA non-polymer 'PROPYL ACETATE' 'C5 H10 O2'
SO4 non-polymer 'SULFATE ION' 'O4 S -2'
#
# COMPACT_ATOMS: atom_id res chain seq x y z
N PRO A 6 -15.70 -11.85 1.48
CA PRO A 6 -15.25 -10.67 0.72
C PRO A 6 -14.76 -9.58 1.66
N PRO A 7 -13.49 -9.22 1.54
CA PRO A 7 -12.98 -8.10 2.33
C PRO A 7 -13.85 -6.87 2.09
N LYS A 8 -13.84 -6.00 3.09
CA LYS A 8 -14.51 -4.72 3.00
C LYS A 8 -13.56 -3.62 3.46
N PRO A 9 -13.83 -2.39 3.04
CA PRO A 9 -13.06 -1.29 3.63
C PRO A 9 -13.37 -1.27 5.12
N PHE A 10 -12.51 -0.64 5.90
CA PHE A 10 -12.92 -0.46 7.30
C PHE A 10 -12.74 0.99 7.74
N PHE A 11 -13.44 1.32 8.80
CA PHE A 11 -13.33 2.63 9.46
C PHE A 11 -13.38 2.39 10.97
N PHE A 12 -12.27 2.57 11.67
CA PHE A 12 -12.17 2.28 13.10
C PHE A 12 -12.06 3.60 13.87
N GLU A 13 -13.13 4.04 14.51
CA GLU A 13 -13.15 5.30 15.25
C GLU A 13 -12.43 5.18 16.60
N ALA A 14 -11.56 6.14 16.90
CA ALA A 14 -10.89 6.04 18.20
C ALA A 14 -10.52 7.36 18.86
N GLY A 15 -10.02 8.36 18.16
CA GLY A 15 -9.55 9.59 18.81
C GLY A 15 -9.42 10.67 17.76
N GLU A 16 -8.87 11.84 18.09
CA GLU A 16 -8.86 12.90 17.10
C GLU A 16 -7.85 12.73 15.99
N ARG A 17 -6.79 11.96 16.20
CA ARG A 17 -5.77 11.80 15.14
C ARG A 17 -6.21 10.72 14.18
N ALA A 18 -6.10 10.97 12.87
CA ALA A 18 -6.60 10.02 11.88
C ALA A 18 -5.49 9.52 10.98
N VAL A 19 -5.60 8.26 10.60
CA VAL A 19 -4.64 7.65 9.69
C VAL A 19 -5.38 6.96 8.55
N LEU A 20 -4.97 7.30 7.34
CA LEU A 20 -5.39 6.60 6.14
C LEU A 20 -4.43 5.44 5.88
N LEU A 21 -4.98 4.25 5.68
CA LEU A 21 -4.19 3.03 5.50
C LEU A 21 -4.41 2.47 4.08
N LEU A 22 -3.30 2.31 3.37
CA LEU A 22 -3.41 1.99 1.93
C LEU A 22 -2.77 0.66 1.60
N HIS A 23 -3.51 -0.25 0.99
CA HIS A 23 -2.95 -1.57 0.71
C HIS A 23 -2.16 -1.59 -0.60
N GLY A 24 -1.61 -2.76 -0.93
CA GLY A 24 -0.74 -2.92 -2.09
C GLY A 24 -1.49 -3.48 -3.29
N PHE A 25 -0.77 -3.55 -4.42
CA PHE A 25 -1.31 -4.08 -5.67
C PHE A 25 -1.60 -5.58 -5.52
N THR A 26 -2.82 -5.99 -5.84
CA THR A 26 -3.41 -7.30 -5.70
C THR A 26 -3.80 -7.60 -4.24
N GLY A 27 -3.52 -6.67 -3.32
CA GLY A 27 -3.83 -6.75 -1.92
C GLY A 27 -5.28 -6.35 -1.65
N ASN A 28 -5.58 -6.15 -0.37
CA ASN A 28 -6.87 -5.60 0.00
C ASN A 28 -6.78 -5.11 1.44
N SER A 29 -7.91 -4.68 2.01
CA SER A 29 -7.82 -4.03 3.33
C SER A 29 -7.31 -4.99 4.40
N ALA A 30 -7.43 -6.31 4.21
CA ALA A 30 -6.95 -7.20 5.27
C ALA A 30 -5.45 -7.08 5.49
N ASP A 31 -4.71 -6.57 4.51
CA ASP A 31 -3.26 -6.45 4.65
C ASP A 31 -2.88 -5.36 5.65
N VAL A 32 -3.82 -4.45 5.94
CA VAL A 32 -3.50 -3.37 6.89
C VAL A 32 -4.44 -3.39 8.08
N ARG A 33 -5.27 -4.44 8.21
CA ARG A 33 -6.29 -4.52 9.26
C ARG A 33 -5.68 -4.73 10.64
N MET A 34 -4.67 -5.57 10.75
CA MET A 34 -4.05 -5.70 12.07
C MET A 34 -3.37 -4.42 12.49
N LEU A 35 -2.72 -3.70 11.57
CA LEU A 35 -2.18 -2.38 11.89
C LEU A 35 -3.30 -1.41 12.29
N GLY A 36 -4.43 -1.40 11.60
CA GLY A 36 -5.58 -0.55 11.96
C GLY A 36 -6.08 -0.89 13.34
N ARG A 37 -6.24 -2.16 13.69
CA ARG A 37 -6.71 -2.45 15.04
C ARG A 37 -5.70 -2.03 16.10
N PHE A 38 -4.42 -2.18 15.81
CA PHE A 38 -3.40 -1.74 16.78
C PHE A 38 -3.49 -0.22 16.96
N LEU A 39 -3.53 0.51 15.85
CA LEU A 39 -3.55 1.98 16.00
C LEU A 39 -4.82 2.45 16.70
N GLU A 40 -5.96 1.85 16.38
CA GLU A 40 -7.21 2.10 17.07
C GLU A 40 -7.10 1.91 18.59
N SER A 41 -6.42 0.84 19.01
CA SER A 41 -6.22 0.61 20.45
C SER A 41 -5.33 1.67 21.09
N LYS A 42 -4.52 2.39 20.32
CA LYS A 42 -3.67 3.48 20.80
C LYS A 42 -4.31 4.85 20.61
N GLY A 43 -5.56 4.92 20.16
CA GLY A 43 -6.23 6.21 20.09
C GLY A 43 -6.34 6.78 18.69
N TYR A 44 -5.83 6.11 17.66
CA TYR A 44 -5.85 6.64 16.30
C TYR A 44 -7.07 6.14 15.55
N THR A 45 -7.88 7.05 15.01
CA THR A 45 -8.91 6.66 14.06
C THR A 45 -8.25 6.23 12.75
N CYS A 46 -8.68 5.10 12.18
CA CYS A 46 -8.08 4.62 10.93
C CYS A 46 -9.14 4.30 9.87
N HIS A 47 -8.81 4.57 8.61
CA HIS A 47 -9.71 4.21 7.53
C HIS A 47 -8.89 3.51 6.44
N ALA A 48 -9.37 2.39 5.92
CA ALA A 48 -8.68 1.71 4.81
C ALA A 48 -9.67 1.49 3.68
N PRO A 49 -9.52 2.16 2.54
CA PRO A 49 -10.31 1.83 1.37
C PRO A 49 -9.89 0.52 0.72
N ILE A 50 -10.65 0.10 -0.29
CA ILE A 50 -10.22 -0.97 -1.17
C ILE A 50 -10.16 -0.43 -2.59
N TYR A 51 -9.02 -0.60 -3.28
CA TYR A 51 -8.96 -0.09 -4.65
C TYR A 51 -9.89 -0.87 -5.57
N LYS A 52 -10.33 -0.19 -6.62
CA LYS A 52 -11.09 -0.86 -7.67
C LYS A 52 -10.40 -2.13 -8.16
N GLY A 53 -11.18 -3.18 -8.45
CA GLY A 53 -10.65 -4.43 -8.93
C GLY A 53 -9.96 -5.29 -7.90
N HIS A 54 -9.88 -4.83 -6.65
CA HIS A 54 -9.26 -5.52 -5.52
C HIS A 54 -10.35 -6.00 -4.55
N GLY A 55 -10.05 -7.09 -3.84
CA GLY A 55 -11.04 -7.71 -2.98
C GLY A 55 -12.22 -8.30 -3.74
N VAL A 56 -12.06 -8.67 -4.99
CA VAL A 56 -13.09 -9.22 -5.87
C VAL A 56 -12.41 -10.25 -6.77
N PRO A 57 -13.09 -11.05 -7.57
CA PRO A 57 -12.37 -11.99 -8.44
C PRO A 57 -11.29 -11.36 -9.29
N PRO A 58 -10.21 -12.11 -9.53
CA PRO A 58 -9.05 -11.50 -10.20
C PRO A 58 -9.38 -11.04 -11.60
N GLU A 59 -10.39 -11.69 -12.20
CA GLU A 59 -10.85 -11.37 -13.53
C GLU A 59 -11.19 -9.88 -13.63
N GLU A 60 -11.72 -9.30 -12.55
CA GLU A 60 -12.06 -7.89 -12.52
C GLU A 60 -10.83 -6.98 -12.41
N LEU A 61 -9.75 -7.49 -11.81
CA LEU A 61 -8.58 -6.64 -11.61
C LEU A 61 -7.99 -6.14 -12.92
N VAL A 62 -8.00 -7.00 -13.94
CA VAL A 62 -7.27 -6.69 -15.18
C VAL A 62 -7.93 -5.60 -16.01
N HIS A 63 -9.14 -5.19 -15.68
CA HIS A 63 -9.76 -4.06 -16.36
C HIS A 63 -9.66 -2.77 -15.55
N THR A 64 -8.80 -2.71 -14.54
CA THR A 64 -8.58 -1.48 -13.79
C THR A 64 -7.11 -1.11 -13.81
N GLY A 65 -6.78 0.09 -13.36
CA GLY A 65 -5.41 0.57 -13.38
C GLY A 65 -5.23 1.70 -12.37
N PRO A 66 -4.02 2.22 -12.31
CA PRO A 66 -3.68 3.21 -11.29
C PRO A 66 -4.54 4.46 -11.39
N ASP A 67 -5.11 4.80 -12.53
CA ASP A 67 -5.99 5.98 -12.51
C ASP A 67 -7.21 5.72 -11.65
N ASP A 68 -7.72 4.49 -11.70
CA ASP A 68 -8.85 4.11 -10.86
C ASP A 68 -8.41 4.05 -9.39
N TRP A 69 -7.29 3.35 -9.11
CA TRP A 69 -6.88 3.12 -7.72
C TRP A 69 -6.59 4.45 -7.04
N TRP A 70 -5.99 5.41 -7.73
CA TRP A 70 -5.74 6.74 -7.18
C TRP A 70 -7.03 7.41 -6.76
N GLN A 71 -8.10 7.21 -7.53
CA GLN A 71 -9.36 7.81 -7.09
C GLN A 71 -9.83 7.22 -5.78
N ASP A 72 -9.61 5.93 -5.59
CA ASP A 72 -9.99 5.36 -4.29
C ASP A 72 -9.14 5.96 -3.17
N VAL A 73 -7.87 6.23 -3.49
CA VAL A 73 -7.01 6.79 -2.45
C VAL A 73 -7.49 8.18 -2.04
N MET A 74 -7.72 9.01 -3.06
CA MET A 74 -8.18 10.37 -2.79
C MET A 74 -9.55 10.38 -2.13
N ASN A 75 -10.42 9.47 -2.57
CA ASN A 75 -11.74 9.41 -1.89
C ASN A 75 -11.57 8.99 -0.43
N GLY A 76 -10.55 8.16 -0.16
CA GLY A 76 -10.34 7.73 1.22
C GLY A 76 -9.86 8.88 2.08
N TYR A 77 -9.00 9.73 1.52
CA TYR A 77 -8.61 10.94 2.23
C TYR A 77 -9.80 11.83 2.49
N GLU A 78 -10.58 12.07 1.45
CA GLU A 78 -11.77 12.94 1.64
C GLU A 78 -12.79 12.34 2.60
N PHE A 79 -12.83 11.01 2.66
CA PHE A 79 -13.75 10.36 3.61
C PHE A 79 -13.42 10.85 5.01
N LEU A 80 -12.12 10.83 5.32
CA LEU A 80 -11.74 11.20 6.67
C LEU A 80 -12.07 12.67 6.91
N LYS A 81 -11.68 13.50 5.94
CA LYS A 81 -11.92 14.94 6.04
C LYS A 81 -13.39 15.24 6.33
N ASN A 82 -14.23 14.64 5.50
CA ASN A 82 -15.68 14.84 5.58
C ASN A 82 -16.30 14.33 6.85
N LYS A 83 -15.63 13.44 7.59
CA LYS A 83 -16.21 12.94 8.83
C LYS A 83 -15.76 13.76 10.03
N GLY A 84 -14.92 14.77 9.83
CA GLY A 84 -14.56 15.73 10.85
C GLY A 84 -13.12 15.64 11.29
N TYR A 85 -12.27 14.91 10.59
CA TYR A 85 -10.87 14.75 10.99
C TYR A 85 -10.07 15.84 10.32
N GLU A 86 -9.39 16.67 11.11
CA GLU A 86 -8.71 17.85 10.59
C GLU A 86 -7.29 17.54 10.17
N LYS A 87 -6.70 16.57 10.81
CA LYS A 87 -5.30 16.24 10.49
C LYS A 87 -5.19 14.75 10.22
N ILE A 88 -4.57 14.41 9.11
CA ILE A 88 -4.54 13.04 8.64
C ILE A 88 -3.13 12.62 8.28
N ALA A 89 -2.69 11.51 8.84
CA ALA A 89 -1.45 10.87 8.42
C ALA A 89 -1.79 9.75 7.44
N VAL A 90 -0.79 9.25 6.73
CA VAL A 90 -1.07 8.13 5.80
C VAL A 90 0.00 7.07 5.91
N ALA A 91 -0.41 5.79 5.91
CA ALA A 91 0.57 4.70 5.90
C ALA A 91 0.20 3.74 4.79
N GLY A 92 1.20 3.32 4.01
CA GLY A 92 0.91 2.53 2.81
C GLY A 92 1.88 1.38 2.63
N LEU A 93 1.31 0.27 2.13
CA LEU A 93 2.04 -0.97 1.92
C LEU A 93 2.27 -1.16 0.42
N SER A 94 3.53 -1.33 0.03
CA SER A 94 3.89 -1.62 -1.37
C SER A 94 3.37 -0.53 -2.30
N LEU A 95 2.52 -0.83 -3.28
CA LEU A 95 1.96 0.26 -4.09
C LEU A 95 1.27 1.32 -3.21
N GLY A 96 0.65 0.89 -2.11
CA GLY A 96 0.06 1.84 -1.15
C GLY A 96 1.06 2.84 -0.63
N GLY A 97 2.33 2.44 -0.47
CA GLY A 97 3.33 3.40 -0.01
C GLY A 97 3.67 4.39 -1.11
N VAL A 98 3.66 3.98 -2.38
CA VAL A 98 3.86 4.89 -3.53
C VAL A 98 2.77 5.94 -3.51
N PHE A 99 1.51 5.53 -3.32
CA PHE A 99 0.37 6.44 -3.23
C PHE A 99 0.44 7.30 -1.97
N SER A 100 1.01 6.79 -0.88
CA SER A 100 1.16 7.60 0.33
C SER A 100 2.05 8.80 0.03
N LEU A 101 3.16 8.53 -0.65
CA LEU A 101 4.11 9.59 -1.03
C LEU A 101 3.42 10.59 -1.96
N LYS A 102 2.68 10.08 -2.93
CA LYS A 102 2.00 10.98 -3.87
C LYS A 102 1.01 11.89 -3.14
N LEU A 103 0.22 11.31 -2.23
CA LEU A 103 -0.71 12.09 -1.43
C LEU A 103 0.08 13.15 -0.67
N GLY A 104 1.29 12.79 -0.23
CA GLY A 104 2.13 13.71 0.52
C GLY A 104 2.55 14.94 -0.25
N TYR A 105 2.54 14.95 -1.58
CA TYR A 105 2.75 16.24 -2.27
C TYR A 105 1.49 16.75 -3.00
N THR A 106 0.34 16.17 -2.67
CA THR A 106 -0.92 16.58 -3.29
C THR A 106 -1.87 17.29 -2.33
N VAL A 107 -1.91 16.85 -1.07
CA VAL A 107 -2.84 17.38 -0.06
C VAL A 107 -2.13 17.52 1.28
N PRO A 108 -2.70 18.24 2.25
CA PRO A 108 -2.06 18.35 3.57
C PRO A 108 -2.03 17.02 4.29
N ILE A 109 -0.85 16.60 4.69
CA ILE A 109 -0.57 15.34 5.36
C ILE A 109 0.31 15.58 6.60
N GLU A 110 -0.09 14.96 7.70
CA GLU A 110 0.64 15.17 8.99
C GLU A 110 1.94 14.37 9.05
N GLY A 111 1.91 13.18 8.46
CA GLY A 111 3.06 12.28 8.45
C GLY A 111 2.82 11.17 7.43
N ILE A 112 3.92 10.61 6.92
CA ILE A 112 3.88 9.54 5.93
C ILE A 112 4.63 8.32 6.43
N VAL A 113 4.03 7.15 6.35
CA VAL A 113 4.74 5.88 6.57
C VAL A 113 4.67 5.08 5.29
N THR A 114 5.82 4.79 4.69
CA THR A 114 5.84 3.96 3.47
C THR A 114 6.46 2.62 3.83
N MET A 115 5.78 1.54 3.55
CA MET A 115 6.28 0.19 3.89
C MET A 115 6.56 -0.58 2.61
N CYS A 116 7.83 -0.83 2.31
CA CYS A 116 8.22 -1.62 1.15
C CYS A 116 7.65 -1.07 -0.16
N ALA A 117 7.68 0.25 -0.33
CA ALA A 117 7.25 0.91 -1.55
C ALA A 117 8.33 0.78 -2.63
N PRO A 118 7.98 0.33 -3.83
CA PRO A 118 8.93 0.25 -4.95
C PRO A 118 9.22 1.61 -5.59
N MET A 119 10.50 1.81 -5.97
CA MET A 119 11.00 2.98 -6.66
C MET A 119 11.73 2.52 -7.94
N TYR A 120 11.86 1.22 -8.15
CA TYR A 120 12.33 0.61 -9.39
C TYR A 120 11.23 -0.22 -10.01
N ILE A 121 11.24 -0.44 -11.33
CA ILE A 121 10.18 -1.30 -11.85
C ILE A 121 10.75 -2.58 -12.47
N LYS A 122 9.84 -3.42 -12.95
CA LYS A 122 10.16 -4.67 -13.62
C LYS A 122 9.52 -4.70 -15.00
N SER A 123 9.71 -5.74 -15.79
CA SER A 123 9.21 -5.77 -17.16
C SER A 123 7.70 -5.86 -17.13
N GLU A 124 6.92 -5.52 -18.14
CA GLU A 124 5.46 -5.74 -18.03
C GLU A 124 5.13 -7.23 -17.96
N GLU A 125 5.88 -8.10 -18.61
CA GLU A 125 5.69 -9.54 -18.60
C GLU A 125 5.78 -10.06 -17.18
N THR A 126 6.89 -9.65 -16.54
CA THR A 126 7.15 -10.10 -15.17
C THR A 126 6.06 -9.60 -14.22
N MET A 127 5.58 -8.37 -14.39
CA MET A 127 4.47 -7.88 -13.57
C MET A 127 3.18 -8.65 -13.86
N TYR A 128 2.90 -8.97 -15.14
CA TYR A 128 1.75 -9.81 -15.42
C TYR A 128 1.93 -11.20 -14.83
N GLU A 129 3.13 -11.80 -14.87
CA GLU A 129 3.38 -13.06 -14.16
C GLU A 129 2.93 -12.98 -12.71
N GLY A 130 3.06 -11.83 -12.04
CA GLY A 130 2.63 -11.72 -10.66
C GLY A 130 1.11 -11.66 -10.53
N VAL A 131 0.43 -11.03 -11.50
CA VAL A 131 -1.02 -11.06 -11.53
C VAL A 131 -1.49 -12.49 -11.75
N LEU A 132 -0.87 -13.28 -12.61
CA LEU A 132 -1.28 -14.66 -12.87
C LEU A 132 -1.15 -15.49 -11.59
N GLU A 133 -0.05 -15.30 -10.86
CA GLU A 133 0.16 -16.07 -9.64
C GLU A 133 -0.83 -15.70 -8.54
N TYR A 134 -1.19 -14.42 -8.48
CA TYR A 134 -2.25 -13.98 -7.58
C TYR A 134 -3.60 -14.59 -7.92
N ALA A 135 -3.92 -14.64 -9.23
CA ALA A 135 -5.17 -15.27 -9.65
C ALA A 135 -5.17 -16.75 -9.29
N ARG A 136 -4.05 -17.46 -9.42
CA ARG A 136 -4.01 -18.88 -9.05
C ARG A 136 -4.29 -19.08 -7.57
N GLU A 137 -3.59 -18.33 -6.72
CA GLU A 137 -3.79 -18.41 -5.28
C GLU A 137 -5.21 -18.05 -4.87
N TYR A 138 -5.81 -17.06 -5.53
CA TYR A 138 -7.17 -16.67 -5.20
C TYR A 138 -8.06 -17.88 -5.43
N LYS A 139 -7.89 -18.53 -6.58
CA LYS A 139 -8.80 -19.61 -6.98
C LYS A 139 -8.56 -20.88 -6.18
N LYS A 140 -7.31 -21.13 -5.82
CA LYS A 140 -6.99 -22.18 -4.87
C LYS A 140 -7.77 -21.96 -3.57
N ARG A 141 -7.82 -20.70 -3.14
CA ARG A 141 -8.44 -20.31 -1.88
C ARG A 141 -9.97 -20.32 -1.94
N GLU A 142 -10.53 -20.19 -3.15
CA GLU A 142 -11.95 -20.36 -3.36
C GLU A 142 -12.29 -21.85 -3.12
N GLY A 143 -11.27 -22.70 -3.21
CA GLY A 143 -11.45 -24.13 -3.01
C GLY A 143 -11.81 -24.79 -4.32
N LYS A 144 -11.29 -24.24 -5.43
CA LYS A 144 -11.49 -24.88 -6.73
C LYS A 144 -10.56 -26.08 -6.87
N SER A 145 -11.01 -27.04 -7.66
CA SER A 145 -10.23 -28.21 -8.04
C SER A 145 -9.03 -27.87 -8.90
N GLU A 146 -7.97 -28.67 -8.85
CA GLU A 146 -6.78 -28.43 -9.69
C GLU A 146 -7.22 -28.30 -11.15
N GLU A 147 -8.14 -29.17 -11.59
CA GLU A 147 -8.64 -29.17 -12.97
C GLU A 147 -9.44 -27.92 -13.29
N GLN A 148 -10.28 -27.47 -12.35
CA GLN A 148 -11.09 -26.26 -12.56
C GLN A 148 -10.21 -25.02 -12.64
N ILE A 149 -9.20 -24.98 -11.78
CA ILE A 149 -8.31 -23.82 -11.76
C ILE A 149 -7.55 -23.76 -13.06
N GLU A 150 -7.17 -24.93 -13.57
CA GLU A 150 -6.41 -24.92 -14.81
C GLU A 150 -7.26 -24.40 -15.97
N GLN A 151 -8.53 -24.79 -16.04
CA GLN A 151 -9.42 -24.26 -17.08
C GLN A 151 -9.59 -22.76 -16.94
N GLU A 152 -9.97 -22.27 -15.75
CA GLU A 152 -10.16 -20.84 -15.60
C GLU A 152 -8.91 -20.03 -15.93
N MET A 153 -7.71 -20.51 -15.63
CA MET A 153 -6.47 -19.75 -15.87
C MET A 153 -6.11 -19.71 -17.35
N GLU A 154 -6.47 -20.80 -18.03
CA GLU A 154 -6.28 -20.81 -19.48
C GLU A 154 -7.00 -19.61 -20.09
N LYS A 155 -8.21 -19.33 -19.63
CA LYS A 155 -9.11 -18.31 -20.16
C LYS A 155 -8.76 -16.91 -19.69
N PHE A 156 -8.33 -16.83 -18.44
CA PHE A 156 -7.85 -15.56 -17.86
C PHE A 156 -6.74 -14.98 -18.73
N LYS A 157 -5.88 -15.87 -19.25
CA LYS A 157 -4.79 -15.53 -20.14
C LYS A 157 -5.34 -14.92 -21.42
N GLN A 158 -6.61 -15.17 -21.76
CA GLN A 158 -7.10 -14.57 -23.01
C GLN A 158 -7.47 -13.10 -22.89
N THR A 159 -6.81 -12.39 -21.97
CA THR A 159 -7.14 -10.98 -21.76
C THR A 159 -5.97 -10.22 -21.14
N PRO A 160 -5.43 -9.30 -21.95
CA PRO A 160 -4.26 -8.55 -21.48
C PRO A 160 -4.64 -7.55 -20.40
N MET A 161 -3.71 -7.30 -19.51
CA MET A 161 -3.87 -6.22 -18.55
C MET A 161 -3.13 -5.00 -19.09
N LYS A 162 -3.83 -4.19 -19.86
CA LYS A 162 -3.17 -3.06 -20.51
C LYS A 162 -2.50 -2.08 -19.56
N THR A 163 -3.10 -1.80 -18.41
CA THR A 163 -2.65 -0.78 -17.48
C THR A 163 -1.36 -1.06 -16.72
N LEU A 164 -0.63 -2.12 -17.04
CA LEU A 164 0.63 -2.41 -16.37
C LEU A 164 1.69 -1.37 -16.76
N LYS A 165 1.66 -0.93 -18.00
CA LYS A 165 2.53 0.19 -18.36
C LYS A 165 2.20 1.42 -17.52
N ALA A 166 0.89 1.68 -17.32
CA ALA A 166 0.60 2.88 -16.51
C ALA A 166 1.08 2.69 -15.08
N LEU A 167 1.05 1.47 -14.56
CA LEU A 167 1.62 1.27 -13.21
C LEU A 167 3.13 1.49 -13.20
N GLN A 168 3.88 1.02 -14.20
CA GLN A 168 5.29 1.41 -14.33
C GLN A 168 5.47 2.93 -14.34
N GLU A 169 4.59 3.65 -15.04
CA GLU A 169 4.75 5.10 -15.20
C GLU A 169 4.51 5.84 -13.90
N LEU A 170 3.56 5.31 -13.13
CA LEU A 170 3.27 5.86 -11.82
C LEU A 170 4.47 5.82 -10.91
N ILE A 171 5.13 4.66 -10.86
CA ILE A 171 6.27 4.54 -9.95
C ILE A 171 7.37 5.50 -10.36
N ALA A 172 7.59 5.57 -11.67
CA ALA A 172 8.63 6.48 -12.17
C ALA A 172 8.27 7.92 -11.84
N ASP A 173 7.01 8.25 -12.00
CA ASP A 173 6.55 9.63 -11.77
C ASP A 173 6.67 10.03 -10.31
N VAL A 174 6.22 9.17 -9.40
CA VAL A 174 6.33 9.54 -7.98
C VAL A 174 7.80 9.66 -7.62
N ARG A 175 8.66 8.78 -8.16
CA ARG A 175 10.08 8.87 -7.85
C ARG A 175 10.65 10.23 -8.20
N ASP A 176 10.25 10.72 -9.38
CA ASP A 176 10.70 12.00 -9.86
C ASP A 176 10.18 13.20 -9.07
N HIS A 177 9.12 12.98 -8.27
CA HIS A 177 8.54 14.06 -7.46
C HIS A 177 8.88 13.96 -5.99
N LEU A 178 9.78 13.07 -5.58
CA LEU A 178 10.11 12.94 -4.15
C LEU A 178 10.61 14.23 -3.58
N ASP A 179 11.25 15.07 -4.40
CA ASP A 179 11.77 16.33 -3.88
C ASP A 179 10.67 17.32 -3.51
N LEU A 180 9.41 17.02 -3.81
CA LEU A 180 8.33 17.90 -3.38
C LEU A 180 7.82 17.57 -1.98
N ILE A 181 8.33 16.52 -1.34
CA ILE A 181 7.81 16.05 -0.07
C ILE A 181 8.59 16.66 1.09
N TYR A 182 7.79 17.28 1.97
CA TYR A 182 8.30 17.92 3.17
C TYR A 182 7.72 17.34 4.46
N ALA A 183 6.63 16.57 4.34
CA ALA A 183 6.03 16.04 5.57
C ALA A 183 6.92 15.04 6.30
N PRO A 184 6.86 14.95 7.62
CA PRO A 184 7.63 13.92 8.33
C PRO A 184 7.33 12.55 7.76
N THR A 185 8.40 11.79 7.50
CA THR A 185 8.27 10.53 6.79
C THR A 185 9.08 9.43 7.44
N PHE A 186 8.46 8.28 7.58
CA PHE A 186 9.10 7.06 8.09
C PHE A 186 9.09 6.03 6.97
N VAL A 187 10.29 5.68 6.51
CA VAL A 187 10.51 4.68 5.46
C VAL A 187 10.80 3.34 6.12
N VAL A 188 9.94 2.38 5.84
CA VAL A 188 10.07 1.01 6.39
C VAL A 188 10.45 0.06 5.27
N GLN A 189 11.43 -0.83 5.42
CA GLN A 189 11.77 -1.76 4.34
C GLN A 189 12.26 -3.09 4.88
N ALA A 190 11.79 -4.18 4.28
CA ALA A 190 12.34 -5.51 4.46
C ALA A 190 13.71 -5.59 3.78
N ARG A 191 14.76 -5.91 4.51
CA ARG A 191 16.10 -6.02 3.96
C ARG A 191 16.18 -7.03 2.81
N HIS A 192 15.47 -8.13 3.03
CA HIS A 192 15.48 -9.22 2.07
C HIS A 192 14.18 -9.32 1.30
N ASP A 193 13.77 -8.33 0.54
CA ASP A 193 12.46 -8.29 -0.10
C ASP A 193 12.49 -9.02 -1.43
N GLU A 194 11.66 -10.03 -1.55
CA GLU A 194 11.57 -10.90 -2.70
C GLU A 194 10.71 -10.36 -3.85
N MET A 195 10.02 -9.24 -3.63
CA MET A 195 9.19 -8.68 -4.69
C MET A 195 9.70 -7.37 -5.26
N ILE A 196 10.50 -6.59 -4.56
CA ILE A 196 10.91 -5.29 -5.10
C ILE A 196 12.39 -5.11 -4.83
N ASN A 197 12.98 -4.07 -5.40
CA ASN A 197 14.37 -3.75 -5.07
C ASN A 197 14.36 -3.05 -3.72
N PRO A 198 15.04 -3.60 -2.73
CA PRO A 198 15.01 -2.97 -1.40
C PRO A 198 15.72 -1.61 -1.38
N ASP A 199 16.61 -1.34 -2.33
CA ASP A 199 17.26 -0.02 -2.37
C ASP A 199 16.25 1.10 -2.60
N SER A 200 15.03 0.79 -3.03
CA SER A 200 13.95 1.77 -3.10
C SER A 200 13.86 2.63 -1.84
N ALA A 201 14.10 1.98 -0.69
CA ALA A 201 13.96 2.69 0.59
C ALA A 201 14.99 3.81 0.70
N ASN A 202 16.19 3.53 0.21
CA ASN A 202 17.23 4.56 0.26
C ASN A 202 16.92 5.72 -0.67
N ILE A 203 16.31 5.41 -1.83
CA ILE A 203 15.87 6.47 -2.74
C ILE A 203 14.89 7.40 -2.04
N ILE A 204 13.88 6.81 -1.40
CA ILE A 204 12.89 7.65 -0.72
C ILE A 204 13.53 8.46 0.40
N TYR A 205 14.25 7.80 1.30
CA TYR A 205 14.87 8.49 2.42
C TYR A 205 15.77 9.63 1.94
N ASN A 206 16.59 9.39 0.92
CA ASN A 206 17.58 10.40 0.54
C ASN A 206 16.99 11.50 -0.32
N GLU A 207 15.90 11.25 -1.08
CA GLU A 207 15.46 12.30 -2.01
C GLU A 207 14.33 13.16 -1.52
N ILE A 208 13.60 12.76 -0.49
CA ILE A 208 12.59 13.68 0.06
C ILE A 208 13.28 14.87 0.71
N GLU A 209 12.57 16.00 0.82
CA GLU A 209 13.10 17.21 1.44
C GLU A 209 12.73 17.36 2.91
N SER A 210 11.90 16.46 3.43
CA SER A 210 11.44 16.46 4.82
C SER A 210 12.56 16.65 5.85
N PRO A 211 12.50 17.70 6.65
CA PRO A 211 13.46 17.85 7.72
C PRO A 211 13.37 16.73 8.75
N VAL A 212 12.21 16.11 8.90
CA VAL A 212 12.04 15.00 9.85
C VAL A 212 11.85 13.73 9.04
N LYS A 213 12.91 12.91 9.03
CA LYS A 213 12.81 11.64 8.28
C LYS A 213 13.52 10.54 9.07
N GLN A 214 12.96 9.34 8.92
CA GLN A 214 13.58 8.14 9.51
C GLN A 214 13.51 7.01 8.50
N ILE A 215 14.44 6.07 8.61
CA ILE A 215 14.34 4.84 7.82
C ILE A 215 14.62 3.66 8.76
N LYS A 216 13.92 2.53 8.65
CA LYS A 216 14.25 1.35 9.45
C LYS A 216 14.15 0.10 8.57
N TRP A 217 15.17 -0.74 8.71
CA TRP A 217 15.26 -2.02 8.01
C TRP A 217 14.81 -3.14 8.97
N TYR A 218 14.07 -4.09 8.41
CA TYR A 218 13.58 -5.28 9.13
C TYR A 218 14.26 -6.47 8.49
N GLU A 219 15.04 -7.20 9.28
CA GLU A 219 15.94 -8.24 8.77
C GLU A 219 15.30 -9.61 8.65
N GLN A 220 14.10 -9.78 9.21
CA GLN A 220 13.52 -11.12 9.20
C GLN A 220 12.13 -11.08 8.57
N SER A 221 11.88 -10.16 7.69
CA SER A 221 10.55 -10.01 7.11
C SER A 221 10.61 -10.15 5.58
N GLY A 222 9.52 -10.57 4.97
CA GLY A 222 9.36 -10.45 3.53
C GLY A 222 8.63 -9.16 3.14
N HIS A 223 8.28 -9.06 1.86
CA HIS A 223 7.66 -7.89 1.26
C HIS A 223 6.38 -7.44 1.94
N VAL A 224 5.49 -8.39 2.22
CA VAL A 224 4.21 -8.02 2.86
C VAL A 224 4.39 -7.98 4.37
N ILE A 225 5.04 -6.90 4.80
CA ILE A 225 5.69 -6.86 6.11
C ILE A 225 4.67 -6.82 7.24
N THR A 226 3.46 -6.32 6.95
CA THR A 226 2.43 -6.21 7.96
C THR A 226 1.90 -7.57 8.44
N LEU A 227 2.13 -8.58 7.61
CA LEU A 227 1.60 -9.91 7.92
C LEU A 227 2.69 -10.89 8.32
N ASP A 228 3.93 -10.39 8.36
CA ASP A 228 5.05 -11.27 8.62
C ASP A 228 5.44 -11.23 10.09
N GLN A 229 6.54 -11.93 10.41
CA GLN A 229 6.83 -12.26 11.80
C GLN A 229 7.33 -11.07 12.61
N GLU A 230 7.63 -9.93 11.99
CA GLU A 230 8.08 -8.80 12.80
C GLU A 230 6.97 -7.78 12.93
N LYS A 231 5.70 -8.18 12.72
CA LYS A 231 4.65 -7.16 12.70
C LYS A 231 4.49 -6.48 14.04
N ASP A 232 4.74 -7.20 15.14
CA ASP A 232 4.54 -6.52 16.43
C ASP A 232 5.52 -5.37 16.67
N GLN A 233 6.78 -5.55 16.33
CA GLN A 233 7.75 -4.45 16.41
C GLN A 233 7.44 -3.33 15.43
N LEU A 234 7.01 -3.70 14.22
CA LEU A 234 6.54 -2.74 13.22
C LEU A 234 5.44 -1.85 13.79
N HIS A 235 4.41 -2.45 14.37
CA HIS A 235 3.33 -1.73 15.02
C HIS A 235 3.87 -0.69 16.02
N GLU A 236 4.79 -1.18 16.89
CA GLU A 236 5.31 -0.25 17.89
C GLU A 236 6.15 0.88 17.30
N ASP A 237 6.88 0.59 16.25
CA ASP A 237 7.71 1.61 15.59
C ASP A 237 6.83 2.68 14.92
N ILE A 238 5.74 2.23 14.27
CA ILE A 238 4.86 3.19 13.61
C ILE A 238 4.15 4.06 14.62
N TYR A 239 3.74 3.41 15.73
CA TYR A 239 3.06 4.15 16.79
C TYR A 239 4.01 5.21 17.32
N ALA A 240 5.26 4.82 17.55
CA ALA A 240 6.23 5.75 18.10
C ALA A 240 6.42 6.92 17.15
N PHE A 241 6.49 6.63 15.87
CA PHE A 241 6.67 7.70 14.87
C PHE A 241 5.47 8.64 14.92
N LEU A 242 4.25 8.05 14.92
CA LEU A 242 3.08 8.94 14.90
C LEU A 242 2.95 9.76 16.18
N GLU A 243 3.31 9.21 17.33
CA GLU A 243 3.23 9.98 18.56
C GLU A 243 4.23 11.13 18.59
N SER A 244 5.29 11.04 17.77
CA SER A 244 6.31 12.09 17.70
C SER A 244 5.87 13.27 16.85
N LEU A 245 4.83 13.17 16.04
CA LEU A 245 4.38 14.32 15.24
C LEU A 245 3.70 15.40 16.05
N ASP A 246 3.62 16.61 15.50
CA ASP A 246 2.98 17.70 16.24
C ASP A 246 1.48 17.50 16.44
N TRP A 247 0.77 16.97 15.48
CA TRP A 247 -0.69 16.87 15.50
C TRP A 247 -1.29 18.21 15.93
S SO4 B . 9.15 -3.73 -20.67
O1 SO4 B . 10.44 -4.25 -20.24
O2 SO4 B . 9.35 -2.59 -21.52
O3 SO4 B . 8.44 -4.74 -21.44
O4 SO4 B . 8.37 -3.34 -19.52
S SO4 C . -11.32 -7.94 13.57
O1 SO4 C . -12.59 -7.27 13.46
O2 SO4 C . -11.50 -9.35 13.36
O3 SO4 C . -10.39 -7.43 12.60
O4 SO4 C . -10.77 -7.72 14.88
CAI 4PA D . 3.00 -4.20 -3.81
OAD 4PA D . 2.10 -3.31 -4.44
CAC 4PA D . 3.91 -4.97 -4.82
OAH 4PA D . 2.32 -5.14 -3.06
CAF 4PA D . 1.23 -5.88 -2.72
CAE 4PA D . 0.80 -6.23 -1.27
CAA 4PA D . -0.35 -7.24 -1.23
#